data_5Q0X
#
_entry.id   5Q0X
#
_cell.length_a   94.796
_cell.length_b   94.796
_cell.length_c   48.274
_cell.angle_alpha   90.000
_cell.angle_beta   90.000
_cell.angle_gamma   120.000
#
_symmetry.space_group_name_H-M   'P 65'
#
loop_
_entity.id
_entity.type
_entity.pdbx_description
1 polymer 'Bile acid receptor'
2 polymer 'COACTIVATOR PEPTIDE SRC-1 HD3'
3 non-polymer '6-(4-{[3-(3,5-dichloropyridin-4-yl)-5-(1-methylethyl)isoxazol-4-yl]methoxy}-2-methylphenyl)-1-methyl-1H-indole-3-carbox ylic acid'
4 water water
#
loop_
_entity_poly.entity_id
_entity_poly.type
_entity_poly.pdbx_seq_one_letter_code
_entity_poly.pdbx_strand_id
1 'polypeptide(L)'
;GSHMELTPDQQTLLHFIMDSYNKQRMPQEITNKILKEAFSAEENFLILTEMATNHVQVLVEFTKKLPGFQTLDHEDQIAL
LKGSAVEAMFLRSAEIFNKKLPSGHSDLLEARIRNSGISDEYITPMFSFYKSIGELKMTQEEYALLTAIVILSPDRQYIK
DREAVEKLQEPLLDVLQKLCKIHQPENPQHFACLLGRLTELRTFNHHHAEMLMSWRVNDHKFTPLLCEIWDVQ
;
A
2 'polypeptide(L)' KDHQLLRYLLDKDE B
#
loop_
_chem_comp.id
_chem_comp.type
_chem_comp.name
_chem_comp.formula
643 non-polymer '6-(4-{[3-(3,5-dichloropyridin-4-yl)-5-(1-methylethyl)isoxazol-4-yl]methoxy}-2-methylphenyl)-1-methyl-1H-indole-3-carbox ylic acid' 'C29 H25 Cl2 N3 O4'
#
# COMPACT_ATOMS: atom_id res chain seq x y z
N MET A 4 16.79 -25.88 -3.78
CA MET A 4 16.18 -24.57 -4.02
C MET A 4 16.22 -23.67 -2.78
N GLU A 5 17.11 -22.66 -2.81
CA GLU A 5 17.30 -21.70 -1.72
C GLU A 5 17.68 -20.33 -2.24
N LEU A 6 17.41 -19.28 -1.45
CA LEU A 6 17.77 -17.92 -1.84
C LEU A 6 19.28 -17.79 -1.73
N THR A 7 19.91 -16.99 -2.60
CA THR A 7 21.34 -16.75 -2.50
C THR A 7 21.59 -15.80 -1.29
N PRO A 8 22.80 -15.76 -0.67
CA PRO A 8 23.03 -14.83 0.47
C PRO A 8 22.63 -13.38 0.18
N ASP A 9 22.85 -12.92 -1.06
CA ASP A 9 22.51 -11.59 -1.57
C ASP A 9 20.98 -11.38 -1.54
N GLN A 10 20.21 -12.41 -1.94
CA GLN A 10 18.75 -12.36 -1.94
C GLN A 10 18.21 -12.40 -0.53
N GLN A 11 18.90 -13.12 0.37
CA GLN A 11 18.53 -13.25 1.78
C GLN A 11 18.71 -11.92 2.49
N THR A 12 19.78 -11.17 2.12
CA THR A 12 20.09 -9.85 2.67
C THR A 12 19.04 -8.86 2.20
N LEU A 13 18.72 -8.86 0.87
CA LEU A 13 17.70 -8.01 0.29
C LEU A 13 16.34 -8.28 0.96
N LEU A 14 15.98 -9.56 1.12
CA LEU A 14 14.72 -9.92 1.77
C LEU A 14 14.70 -9.46 3.23
N HIS A 15 15.83 -9.62 3.94
CA HIS A 15 15.92 -9.18 5.33
C HIS A 15 15.71 -7.68 5.53
N PHE A 16 16.24 -6.83 4.64
CA PHE A 16 16.03 -5.38 4.74
C PHE A 16 14.53 -5.02 4.56
N ILE A 17 13.85 -5.70 3.63
CA ILE A 17 12.42 -5.50 3.32
C ILE A 17 11.54 -5.87 4.52
N MET A 18 11.79 -7.06 5.13
CA MET A 18 11.05 -7.61 6.26
C MET A 18 11.19 -6.76 7.49
N ASP A 19 12.44 -6.40 7.83
CA ASP A 19 12.74 -5.56 8.99
C ASP A 19 11.93 -4.26 8.92
N SER A 20 11.94 -3.61 7.75
CA SER A 20 11.25 -2.37 7.45
C SER A 20 9.74 -2.58 7.49
N TYR A 21 9.25 -3.69 6.92
CA TYR A 21 7.81 -4.02 6.93
C TYR A 21 7.27 -4.24 8.33
N ASN A 22 8.04 -4.96 9.15
CA ASN A 22 7.66 -5.29 10.53
C ASN A 22 7.54 -4.08 11.45
N LYS A 23 8.19 -2.94 11.11
CA LYS A 23 8.18 -1.71 11.91
C LYS A 23 6.85 -0.96 11.87
N GLN A 24 6.06 -1.15 10.79
CA GLN A 24 4.77 -0.49 10.57
C GLN A 24 3.81 -0.69 11.75
N ARG A 25 3.21 0.42 12.24
CA ARG A 25 2.25 0.43 13.33
C ARG A 25 1.15 1.44 13.06
N MET A 26 -0.05 1.11 13.56
CA MET A 26 -1.21 2.00 13.59
C MET A 26 -1.24 2.48 15.05
N PRO A 27 -0.99 3.78 15.33
CA PRO A 27 -0.99 4.26 16.72
C PRO A 27 -2.27 4.00 17.50
N GLN A 28 -2.13 3.67 18.80
CA GLN A 28 -3.18 3.35 19.77
C GLN A 28 -4.29 4.40 19.83
N GLU A 29 -3.93 5.67 19.58
CA GLU A 29 -4.85 6.81 19.57
C GLU A 29 -5.86 6.65 18.43
N ILE A 30 -5.39 6.16 17.27
CA ILE A 30 -6.25 5.96 16.10
C ILE A 30 -7.07 4.68 16.24
N THR A 31 -6.47 3.58 16.78
CA THR A 31 -7.20 2.32 16.96
C THR A 31 -8.34 2.46 17.98
N ASN A 32 -8.13 3.26 19.06
CA ASN A 32 -9.16 3.49 20.07
C ASN A 32 -10.37 4.24 19.50
N LYS A 33 -10.15 5.12 18.49
CA LYS A 33 -11.19 5.88 17.79
C LYS A 33 -12.11 4.95 17.00
N ILE A 34 -11.57 3.85 16.44
CA ILE A 34 -12.34 2.82 15.72
C ILE A 34 -13.34 2.20 16.70
N LEU A 35 -12.91 1.96 17.95
CA LEU A 35 -13.77 1.39 19.00
C LEU A 35 -14.73 2.39 19.64
N LYS A 36 -14.25 3.61 19.92
CA LYS A 36 -14.98 4.57 20.75
C LYS A 36 -15.75 5.73 20.08
N GLU A 37 -15.34 6.22 18.90
CA GLU A 37 -16.01 7.36 18.25
C GLU A 37 -17.44 7.07 17.80
N ALA A 38 -18.28 8.12 17.62
CA ALA A 38 -19.67 8.00 17.17
C ALA A 38 -19.79 7.27 15.82
N PHE A 39 -20.94 6.60 15.59
CA PHE A 39 -21.21 5.86 14.35
C PHE A 39 -22.16 6.65 13.45
N SER A 40 -21.60 7.38 12.50
CA SER A 40 -22.32 8.17 11.50
C SER A 40 -21.44 8.23 10.25
N ALA A 41 -22.04 8.50 9.08
CA ALA A 41 -21.35 8.59 7.79
C ALA A 41 -20.21 9.61 7.82
N GLU A 42 -20.43 10.76 8.50
CA GLU A 42 -19.46 11.85 8.64
C GLU A 42 -18.29 11.46 9.54
N GLU A 43 -18.57 10.84 10.70
CA GLU A 43 -17.53 10.42 11.65
C GLU A 43 -16.76 9.25 11.09
N ASN A 44 -17.45 8.32 10.42
CA ASN A 44 -16.82 7.15 9.81
C ASN A 44 -15.87 7.56 8.69
N PHE A 45 -16.26 8.57 7.89
CA PHE A 45 -15.41 9.11 6.83
C PHE A 45 -14.16 9.77 7.42
N LEU A 46 -14.31 10.50 8.56
CA LEU A 46 -13.20 11.17 9.25
C LEU A 46 -12.20 10.17 9.80
N ILE A 47 -12.67 9.01 10.31
CA ILE A 47 -11.80 7.94 10.80
C ILE A 47 -11.00 7.33 9.64
N LEU A 48 -11.66 7.08 8.48
CA LEU A 48 -10.99 6.53 7.29
C LEU A 48 -9.85 7.46 6.83
N THR A 49 -10.11 8.80 6.85
CA THR A 49 -9.16 9.86 6.51
C THR A 49 -7.93 9.83 7.42
N GLU A 50 -8.14 9.75 8.74
CA GLU A 50 -7.07 9.71 9.74
C GLU A 50 -6.19 8.47 9.57
N MET A 51 -6.81 7.29 9.32
CA MET A 51 -6.11 6.03 9.08
C MET A 51 -5.26 6.09 7.82
N ALA A 52 -5.80 6.69 6.75
CA ALA A 52 -5.11 6.86 5.46
C ALA A 52 -3.87 7.74 5.63
N THR A 53 -4.00 8.82 6.44
CA THR A 53 -2.91 9.76 6.75
C THR A 53 -1.80 9.02 7.49
N ASN A 54 -2.16 8.23 8.52
CA ASN A 54 -1.16 7.47 9.26
C ASN A 54 -0.46 6.47 8.34
N HIS A 55 -1.21 5.76 7.50
CA HIS A 55 -0.64 4.80 6.55
C HIS A 55 0.36 5.45 5.55
N VAL A 56 0.07 6.67 5.04
CA VAL A 56 0.99 7.38 4.11
C VAL A 56 2.32 7.68 4.85
N GLN A 57 2.24 8.03 6.13
CA GLN A 57 3.42 8.28 6.96
C GLN A 57 4.26 7.00 7.11
N VAL A 58 3.58 5.87 7.38
CA VAL A 58 4.15 4.53 7.54
C VAL A 58 4.79 4.09 6.20
N LEU A 59 4.13 4.43 5.09
CA LEU A 59 4.56 4.12 3.73
C LEU A 59 5.88 4.84 3.40
N VAL A 60 6.00 6.14 3.75
CA VAL A 60 7.21 6.94 3.53
C VAL A 60 8.42 6.30 4.29
N GLU A 61 8.21 5.91 5.58
CA GLU A 61 9.25 5.33 6.43
C GLU A 61 9.72 3.98 5.92
N PHE A 62 8.79 3.15 5.46
CA PHE A 62 9.07 1.85 4.85
C PHE A 62 9.91 2.01 3.57
N THR A 63 9.46 2.88 2.66
CA THR A 63 10.09 3.16 1.38
C THR A 63 11.55 3.65 1.53
N LYS A 64 11.83 4.53 2.51
CA LYS A 64 13.19 5.05 2.77
C LYS A 64 14.18 3.96 3.15
N LYS A 65 13.68 2.83 3.64
CA LYS A 65 14.53 1.71 4.06
C LYS A 65 14.64 0.64 2.96
N LEU A 66 13.92 0.82 1.81
CA LEU A 66 13.98 -0.13 0.69
C LEU A 66 15.35 0.03 0.04
N PRO A 67 16.13 -1.07 -0.06
CA PRO A 67 17.47 -0.96 -0.68
C PRO A 67 17.47 -0.25 -2.03
N GLY A 68 18.28 0.81 -2.11
CA GLY A 68 18.43 1.61 -3.33
C GLY A 68 17.44 2.74 -3.53
N PHE A 69 16.33 2.78 -2.77
CA PHE A 69 15.32 3.84 -2.95
C PHE A 69 15.91 5.26 -2.78
N GLN A 70 16.73 5.46 -1.74
CA GLN A 70 17.32 6.76 -1.44
C GLN A 70 18.44 7.14 -2.42
N THR A 71 18.84 6.22 -3.32
CA THR A 71 19.83 6.49 -4.37
C THR A 71 19.13 7.01 -5.64
N LEU A 72 17.80 6.96 -5.69
CA LEU A 72 17.02 7.44 -6.84
C LEU A 72 16.95 8.95 -6.84
N ASP A 73 16.73 9.55 -8.04
CA ASP A 73 16.55 10.99 -8.21
C ASP A 73 15.45 11.43 -7.22
N HIS A 74 15.72 12.49 -6.45
CA HIS A 74 14.81 13.00 -5.43
C HIS A 74 13.38 13.21 -5.91
N GLU A 75 13.18 13.80 -7.11
CA GLU A 75 11.82 13.98 -7.65
C GLU A 75 11.14 12.66 -8.06
N ASP A 76 11.93 11.66 -8.47
CA ASP A 76 11.39 10.34 -8.85
C ASP A 76 10.95 9.60 -7.59
N GLN A 77 11.62 9.89 -6.43
CA GLN A 77 11.22 9.35 -5.13
C GLN A 77 9.78 9.84 -4.82
N ILE A 78 9.52 11.16 -5.03
CA ILE A 78 8.20 11.79 -4.83
C ILE A 78 7.17 11.15 -5.79
N ALA A 79 7.48 11.12 -7.10
CA ALA A 79 6.62 10.51 -8.12
C ALA A 79 6.27 9.04 -7.80
N LEU A 80 7.21 8.25 -7.23
CA LEU A 80 6.94 6.83 -6.88
C LEU A 80 5.96 6.72 -5.70
N LEU A 81 6.12 7.57 -4.68
CA LEU A 81 5.27 7.62 -3.49
C LEU A 81 3.83 8.03 -3.83
N LYS A 82 3.68 9.06 -4.68
CA LYS A 82 2.39 9.57 -5.15
C LYS A 82 1.61 8.53 -5.96
N GLY A 83 2.31 7.79 -6.83
CA GLY A 83 1.68 6.79 -7.67
C GLY A 83 1.39 5.46 -7.02
N SER A 84 2.00 5.15 -5.86
CA SER A 84 1.83 3.87 -5.17
C SER A 84 0.97 3.88 -3.90
N ALA A 85 0.72 5.07 -3.35
CA ALA A 85 -0.02 5.29 -2.10
C ALA A 85 -1.38 4.59 -2.01
N VAL A 86 -2.24 4.68 -3.03
CA VAL A 86 -3.55 4.00 -3.02
C VAL A 86 -3.34 2.48 -3.06
N GLU A 87 -2.52 1.99 -4.01
CA GLU A 87 -2.24 0.56 -4.19
C GLU A 87 -1.68 -0.10 -2.91
N ALA A 88 -0.79 0.60 -2.20
CA ALA A 88 -0.16 0.10 -1.00
C ALA A 88 -1.15 0.10 0.16
N MET A 89 -2.03 1.12 0.19
CA MET A 89 -3.07 1.25 1.21
C MET A 89 -4.12 0.11 1.09
N PHE A 90 -4.49 -0.27 -0.16
CA PHE A 90 -5.42 -1.40 -0.39
C PHE A 90 -4.81 -2.75 -0.01
N LEU A 91 -3.51 -2.96 -0.31
CA LEU A 91 -2.79 -4.20 -0.01
C LEU A 91 -2.68 -4.42 1.51
N ARG A 92 -2.41 -3.32 2.26
CA ARG A 92 -2.29 -3.34 3.70
C ARG A 92 -3.67 -3.55 4.34
N SER A 93 -4.73 -2.93 3.78
CA SER A 93 -6.12 -3.07 4.24
C SER A 93 -6.51 -4.53 4.11
N ALA A 94 -6.15 -5.13 2.95
CA ALA A 94 -6.40 -6.54 2.66
C ALA A 94 -5.73 -7.44 3.69
N GLU A 95 -4.47 -7.16 4.03
CA GLU A 95 -3.69 -7.92 5.02
C GLU A 95 -4.30 -7.88 6.41
N ILE A 96 -4.69 -6.68 6.88
CA ILE A 96 -5.21 -6.53 8.25
C ILE A 96 -6.60 -7.18 8.38
N PHE A 97 -7.42 -7.11 7.30
CA PHE A 97 -8.78 -7.68 7.24
CA PHE A 97 -8.76 -7.70 7.30
C PHE A 97 -8.73 -9.22 7.29
N ASN A 98 -7.65 -9.82 6.75
CA ASN A 98 -7.45 -11.27 6.68
C ASN A 98 -6.62 -11.82 7.87
N LYS A 99 -6.48 -11.03 8.95
CA LYS A 99 -5.83 -11.44 10.20
C LYS A 99 -6.47 -10.78 11.43
N HIS A 105 -12.54 -6.25 17.11
CA HIS A 105 -12.38 -4.92 16.52
C HIS A 105 -12.69 -4.87 15.01
N SER A 106 -12.22 -5.90 14.26
CA SER A 106 -12.38 -6.04 12.80
C SER A 106 -13.82 -5.86 12.29
N ASP A 107 -14.82 -6.32 13.07
CA ASP A 107 -16.24 -6.21 12.76
C ASP A 107 -16.69 -4.74 12.74
N LEU A 108 -16.20 -3.95 13.70
CA LEU A 108 -16.53 -2.52 13.81
C LEU A 108 -15.85 -1.72 12.69
N LEU A 109 -14.61 -2.08 12.33
CA LEU A 109 -13.91 -1.40 11.24
C LEU A 109 -14.67 -1.61 9.93
N GLU A 110 -15.06 -2.87 9.62
CA GLU A 110 -15.83 -3.18 8.41
C GLU A 110 -17.17 -2.39 8.39
N ALA A 111 -17.84 -2.29 9.54
CA ALA A 111 -19.11 -1.56 9.67
C ALA A 111 -18.91 -0.07 9.34
N ARG A 112 -17.80 0.53 9.80
CA ARG A 112 -17.46 1.93 9.56
C ARG A 112 -17.22 2.20 8.08
N ILE A 113 -16.44 1.33 7.42
CA ILE A 113 -16.15 1.42 5.98
C ILE A 113 -17.45 1.35 5.15
N ARG A 114 -18.35 0.39 5.48
CA ARG A 114 -19.63 0.22 4.79
C ARG A 114 -20.64 1.35 5.05
N ASN A 115 -20.39 2.19 6.07
CA ASN A 115 -21.25 3.31 6.48
C ASN A 115 -20.45 4.62 6.64
N SER A 116 -19.63 4.94 5.63
CA SER A 116 -18.80 6.15 5.60
C SER A 116 -19.20 7.08 4.45
N GLY A 117 -20.38 6.87 3.90
CA GLY A 117 -20.87 7.66 2.77
C GLY A 117 -20.16 7.35 1.46
N ILE A 118 -19.54 6.16 1.36
CA ILE A 118 -18.84 5.73 0.16
C ILE A 118 -19.74 4.74 -0.58
N SER A 119 -19.95 4.99 -1.88
CA SER A 119 -20.81 4.20 -2.77
C SER A 119 -20.37 2.74 -2.88
N ASP A 120 -21.35 1.85 -3.08
CA ASP A 120 -21.18 0.41 -3.26
C ASP A 120 -20.36 0.10 -4.51
N GLU A 121 -20.34 1.03 -5.49
CA GLU A 121 -19.55 0.96 -6.72
C GLU A 121 -18.05 0.83 -6.37
N TYR A 122 -17.66 1.37 -5.19
CA TYR A 122 -16.29 1.35 -4.69
CA TYR A 122 -16.28 1.31 -4.70
C TYR A 122 -16.13 0.24 -3.63
N ILE A 123 -17.07 0.18 -2.65
CA ILE A 123 -17.09 -0.80 -1.54
C ILE A 123 -17.09 -2.25 -2.04
N THR A 124 -17.92 -2.57 -3.07
CA THR A 124 -18.06 -3.92 -3.62
C THR A 124 -16.73 -4.47 -4.17
N PRO A 125 -16.02 -3.88 -5.18
CA PRO A 125 -14.72 -4.45 -5.61
C PRO A 125 -13.66 -4.50 -4.50
N MET A 126 -13.73 -3.57 -3.53
CA MET A 126 -12.86 -3.45 -2.35
C MET A 126 -12.94 -4.73 -1.49
N PHE A 127 -14.18 -5.12 -1.10
CA PHE A 127 -14.41 -6.31 -0.28
C PHE A 127 -14.19 -7.58 -1.08
N SER A 128 -14.36 -7.49 -2.40
CA SER A 128 -14.09 -8.58 -3.33
C SER A 128 -12.58 -8.81 -3.38
N PHE A 129 -11.76 -7.73 -3.35
CA PHE A 129 -10.30 -7.82 -3.38
C PHE A 129 -9.76 -8.45 -2.09
N TYR A 130 -10.30 -8.04 -0.91
CA TYR A 130 -9.93 -8.59 0.40
C TYR A 130 -10.17 -10.08 0.43
N LYS A 131 -11.28 -10.52 -0.22
CA LYS A 131 -11.67 -11.92 -0.32
C LYS A 131 -10.62 -12.71 -1.12
N SER A 132 -10.26 -12.23 -2.34
CA SER A 132 -9.29 -12.90 -3.20
C SER A 132 -7.87 -12.89 -2.60
N ILE A 133 -7.54 -11.89 -1.75
CA ILE A 133 -6.27 -11.82 -1.03
C ILE A 133 -6.23 -12.97 0.03
N GLY A 134 -7.35 -13.13 0.75
CA GLY A 134 -7.53 -14.18 1.75
C GLY A 134 -7.39 -15.60 1.21
N GLU A 135 -7.96 -15.85 0.02
CA GLU A 135 -7.90 -17.16 -0.65
C GLU A 135 -6.47 -17.56 -1.05
N LEU A 136 -5.57 -16.58 -1.16
CA LEU A 136 -4.16 -16.82 -1.48
C LEU A 136 -3.33 -17.28 -0.28
N LYS A 137 -3.79 -17.00 0.98
CA LYS A 137 -3.10 -17.37 2.23
C LYS A 137 -1.67 -16.87 2.20
N MET A 138 -1.53 -15.56 1.97
CA MET A 138 -0.23 -14.93 1.80
C MET A 138 0.58 -14.89 3.06
N THR A 139 1.88 -15.14 2.93
CA THR A 139 2.83 -15.05 4.03
C THR A 139 3.21 -13.57 4.16
N GLN A 140 3.92 -13.21 5.24
CA GLN A 140 4.37 -11.85 5.49
C GLN A 140 5.42 -11.38 4.47
N GLU A 141 6.26 -12.32 4.01
CA GLU A 141 7.29 -12.09 2.98
C GLU A 141 6.61 -11.70 1.68
N GLU A 142 5.49 -12.38 1.36
CA GLU A 142 4.68 -12.10 0.17
C GLU A 142 4.01 -10.74 0.27
N TYR A 143 3.48 -10.37 1.46
CA TYR A 143 2.85 -9.05 1.67
C TYR A 143 3.87 -7.93 1.55
N ALA A 144 5.08 -8.10 2.14
CA ALA A 144 6.16 -7.10 2.12
C ALA A 144 6.78 -6.91 0.74
N LEU A 145 7.07 -8.03 0.02
CA LEU A 145 7.66 -7.96 -1.33
C LEU A 145 6.68 -7.40 -2.33
N LEU A 146 5.39 -7.76 -2.23
CA LEU A 146 4.37 -7.21 -3.13
C LEU A 146 4.24 -5.70 -2.92
N THR A 147 4.29 -5.24 -1.65
CA THR A 147 4.25 -3.81 -1.30
C THR A 147 5.44 -3.08 -1.94
N ALA A 148 6.66 -3.63 -1.82
CA ALA A 148 7.89 -3.03 -2.41
C ALA A 148 7.84 -3.00 -3.95
N ILE A 149 7.34 -4.09 -4.58
CA ILE A 149 7.19 -4.19 -6.06
C ILE A 149 6.18 -3.15 -6.59
N VAL A 150 5.11 -2.89 -5.82
CA VAL A 150 4.08 -1.89 -6.09
C VAL A 150 4.68 -0.48 -6.03
N ILE A 151 5.49 -0.20 -4.98
CA ILE A 151 6.16 1.10 -4.79
C ILE A 151 7.18 1.36 -5.91
N LEU A 152 8.00 0.34 -6.20
CA LEU A 152 9.05 0.42 -7.19
C LEU A 152 8.60 0.09 -8.59
N SER A 153 7.42 0.62 -9.01
CA SER A 153 6.86 0.40 -10.35
C SER A 153 7.45 1.42 -11.29
N PRO A 154 8.27 0.97 -12.28
CA PRO A 154 8.94 1.94 -13.16
C PRO A 154 8.07 2.70 -14.14
N ASP A 155 6.80 2.27 -14.32
CA ASP A 155 5.87 2.85 -15.29
C ASP A 155 4.94 3.95 -14.74
N ARG A 156 5.21 4.49 -13.54
CA ARG A 156 4.38 5.56 -12.96
C ARG A 156 4.57 6.87 -13.72
N GLN A 157 3.54 7.74 -13.68
CA GLN A 157 3.57 9.06 -14.31
C GLN A 157 4.67 9.93 -13.69
N TYR A 158 5.32 10.77 -14.51
CA TYR A 158 6.34 11.76 -14.15
C TYR A 158 7.71 11.20 -13.67
N ILE A 159 8.02 9.91 -13.90
CA ILE A 159 9.34 9.37 -13.55
C ILE A 159 10.30 9.75 -14.70
N LYS A 160 11.46 10.35 -14.36
CA LYS A 160 12.48 10.79 -15.32
C LYS A 160 13.45 9.66 -15.69
N ASP A 161 13.94 8.87 -14.71
CA ASP A 161 14.88 7.76 -14.94
C ASP A 161 14.20 6.44 -14.57
N ARG A 162 13.49 5.86 -15.53
CA ARG A 162 12.72 4.61 -15.37
C ARG A 162 13.59 3.38 -15.24
N GLU A 163 14.73 3.37 -15.94
CA GLU A 163 15.69 2.27 -15.92
C GLU A 163 16.23 2.08 -14.52
N ALA A 164 16.49 3.20 -13.79
CA ALA A 164 16.98 3.15 -12.40
C ALA A 164 15.94 2.47 -11.48
N VAL A 165 14.65 2.68 -11.74
CA VAL A 165 13.58 2.04 -10.96
C VAL A 165 13.49 0.55 -11.34
N GLU A 166 13.64 0.21 -12.64
CA GLU A 166 13.66 -1.17 -13.16
C GLU A 166 14.72 -2.02 -12.47
N LYS A 167 15.91 -1.43 -12.23
CA LYS A 167 17.04 -2.10 -11.57
C LYS A 167 16.71 -2.49 -10.13
N LEU A 168 15.83 -1.72 -9.45
CA LEU A 168 15.44 -2.03 -8.07
C LEU A 168 14.25 -3.01 -8.02
N GLN A 169 13.34 -2.94 -9.00
CA GLN A 169 12.16 -3.81 -9.00
C GLN A 169 12.44 -5.24 -9.45
N GLU A 170 13.19 -5.44 -10.53
CA GLU A 170 13.50 -6.77 -11.08
C GLU A 170 14.04 -7.75 -10.01
N PRO A 171 15.09 -7.45 -9.20
CA PRO A 171 15.51 -8.42 -8.17
C PRO A 171 14.44 -8.83 -7.15
N LEU A 172 13.46 -7.97 -6.85
CA LEU A 172 12.35 -8.24 -5.94
C LEU A 172 11.37 -9.25 -6.55
N LEU A 173 11.10 -9.13 -7.86
CA LEU A 173 10.28 -10.07 -8.63
C LEU A 173 11.03 -11.42 -8.70
N ASP A 174 12.37 -11.41 -8.79
CA ASP A 174 13.19 -12.64 -8.80
C ASP A 174 13.08 -13.38 -7.46
N VAL A 175 13.20 -12.63 -6.33
CA VAL A 175 13.06 -13.18 -4.98
C VAL A 175 11.64 -13.75 -4.74
N LEU A 176 10.59 -12.97 -5.10
CA LEU A 176 9.20 -13.40 -4.92
C LEU A 176 8.90 -14.69 -5.66
N GLN A 177 9.38 -14.81 -6.90
CA GLN A 177 9.21 -16.02 -7.71
C GLN A 177 9.93 -17.23 -7.08
N LYS A 178 11.17 -17.03 -6.57
CA LYS A 178 11.99 -18.05 -5.94
C LYS A 178 11.33 -18.59 -4.68
N LEU A 179 10.74 -17.70 -3.88
CA LEU A 179 9.98 -18.04 -2.67
C LEU A 179 8.75 -18.88 -3.03
N CYS A 180 8.09 -18.55 -4.16
CA CYS A 180 6.93 -19.30 -4.63
C CYS A 180 7.33 -20.75 -4.98
N LYS A 181 8.51 -20.95 -5.64
CA LYS A 181 9.05 -22.28 -6.00
C LYS A 181 9.50 -23.09 -4.76
N ILE A 182 10.14 -22.42 -3.79
CA ILE A 182 10.58 -23.02 -2.53
C ILE A 182 9.39 -23.41 -1.62
N HIS A 183 8.42 -22.51 -1.42
CA HIS A 183 7.31 -22.74 -0.49
C HIS A 183 6.07 -23.40 -1.08
N GLN A 184 5.83 -23.29 -2.41
CA GLN A 184 4.66 -23.97 -3.03
C GLN A 184 5.08 -24.76 -4.29
N PRO A 185 5.99 -25.77 -4.17
CA PRO A 185 6.45 -26.50 -5.36
C PRO A 185 5.40 -27.28 -6.14
N GLU A 186 4.27 -27.62 -5.48
CA GLU A 186 3.15 -28.38 -6.06
C GLU A 186 2.09 -27.45 -6.70
N ASN A 187 2.21 -26.12 -6.49
CA ASN A 187 1.29 -25.11 -7.03
C ASN A 187 2.09 -24.19 -7.97
N PRO A 188 2.37 -24.61 -9.22
CA PRO A 188 3.17 -23.74 -10.12
C PRO A 188 2.50 -22.44 -10.56
N GLN A 189 1.20 -22.28 -10.28
CA GLN A 189 0.44 -21.08 -10.62
C GLN A 189 0.50 -20.02 -9.50
N HIS A 190 1.17 -20.32 -8.35
CA HIS A 190 1.21 -19.42 -7.19
C HIS A 190 1.74 -18.02 -7.50
N PHE A 191 2.86 -17.93 -8.24
CA PHE A 191 3.43 -16.63 -8.64
C PHE A 191 2.43 -15.85 -9.52
N ALA A 192 1.77 -16.55 -10.48
CA ALA A 192 0.77 -16.00 -11.41
C ALA A 192 -0.41 -15.39 -10.67
N CYS A 193 -0.91 -16.04 -9.61
CA CYS A 193 -2.00 -15.52 -8.77
C CYS A 193 -1.59 -14.24 -8.02
N LEU A 194 -0.30 -14.12 -7.62
CA LEU A 194 0.21 -12.91 -6.95
C LEU A 194 0.24 -11.74 -7.95
N LEU A 195 0.66 -12.00 -9.20
CA LEU A 195 0.67 -11.02 -10.29
C LEU A 195 -0.76 -10.57 -10.60
N GLY A 196 -1.72 -11.50 -10.45
CA GLY A 196 -3.15 -11.22 -10.59
C GLY A 196 -3.62 -10.16 -9.62
N ARG A 197 -3.02 -10.13 -8.42
CA ARG A 197 -3.30 -9.12 -7.41
C ARG A 197 -2.67 -7.79 -7.77
N LEU A 198 -1.50 -7.79 -8.49
CA LEU A 198 -0.85 -6.55 -8.94
C LEU A 198 -1.74 -5.79 -9.91
N THR A 199 -2.34 -6.50 -10.90
CA THR A 199 -3.22 -5.91 -11.92
C THR A 199 -4.55 -5.48 -11.29
N GLU A 200 -5.08 -6.27 -10.34
CA GLU A 200 -6.32 -5.93 -9.61
C GLU A 200 -6.09 -4.66 -8.74
N LEU A 201 -4.87 -4.50 -8.14
CA LEU A 201 -4.54 -3.30 -7.36
C LEU A 201 -4.65 -1.99 -8.17
N ARG A 202 -4.19 -2.03 -9.43
CA ARG A 202 -4.20 -0.92 -10.40
C ARG A 202 -5.61 -0.38 -10.65
N THR A 203 -6.64 -1.25 -10.61
CA THR A 203 -8.04 -0.83 -10.82
C THR A 203 -8.53 0.12 -9.71
N PHE A 204 -7.98 0.02 -8.49
CA PHE A 204 -8.38 0.89 -7.39
C PHE A 204 -7.96 2.35 -7.57
N ASN A 205 -7.00 2.64 -8.47
CA ASN A 205 -6.58 4.02 -8.74
C ASN A 205 -7.68 4.83 -9.41
N HIS A 206 -8.39 4.24 -10.38
CA HIS A 206 -9.51 4.89 -11.07
C HIS A 206 -10.68 5.07 -10.09
N HIS A 207 -11.02 4.00 -9.31
CA HIS A 207 -12.09 4.01 -8.31
C HIS A 207 -11.85 5.07 -7.23
N HIS A 208 -10.60 5.18 -6.73
CA HIS A 208 -10.24 6.15 -5.70
C HIS A 208 -10.35 7.59 -6.20
N ALA A 209 -9.95 7.84 -7.46
CA ALA A 209 -9.98 9.14 -8.11
C ALA A 209 -11.43 9.65 -8.28
N GLU A 210 -12.37 8.72 -8.57
CA GLU A 210 -13.80 9.01 -8.73
C GLU A 210 -14.43 9.33 -7.37
N MET A 211 -13.95 8.67 -6.30
CA MET A 211 -14.41 8.91 -4.94
C MET A 211 -14.01 10.32 -4.47
N LEU A 212 -12.74 10.73 -4.72
CA LEU A 212 -12.22 12.06 -4.36
C LEU A 212 -12.93 13.18 -5.13
N MET A 213 -13.26 12.94 -6.42
CA MET A 213 -13.95 13.88 -7.30
C MET A 213 -15.37 14.13 -6.79
N SER A 214 -16.15 13.06 -6.60
CA SER A 214 -17.54 13.09 -6.10
C SER A 214 -17.67 13.63 -4.67
N TRP A 215 -16.58 13.59 -3.87
CA TRP A 215 -16.56 14.12 -2.50
C TRP A 215 -16.20 15.62 -2.49
N ARG A 216 -16.96 16.42 -3.27
CA ARG A 216 -16.81 17.88 -3.37
C ARG A 216 -17.86 18.58 -2.48
N VAL A 217 -18.49 17.81 -1.56
CA VAL A 217 -19.50 18.28 -0.62
C VAL A 217 -19.42 17.49 0.68
N HIS A 220 -14.16 15.86 2.71
CA HIS A 220 -14.18 17.11 1.96
C HIS A 220 -12.86 17.88 2.11
N LYS A 221 -12.35 18.02 3.36
CA LYS A 221 -11.11 18.72 3.66
C LYS A 221 -9.88 17.79 3.68
N PHE A 222 -10.06 16.52 4.15
CA PHE A 222 -9.01 15.50 4.26
C PHE A 222 -7.91 15.97 5.25
N THR A 223 -6.65 15.67 4.93
CA THR A 223 -5.46 16.11 5.68
C THR A 223 -4.47 16.68 4.65
N PRO A 224 -3.47 17.52 5.06
CA PRO A 224 -2.53 18.08 4.06
C PRO A 224 -1.68 17.02 3.35
N LEU A 225 -1.39 15.90 4.04
CA LEU A 225 -0.59 14.81 3.47
C LEU A 225 -1.34 14.10 2.34
N LEU A 226 -2.65 13.85 2.53
CA LEU A 226 -3.51 13.21 1.53
C LEU A 226 -3.80 14.13 0.34
N CYS A 227 -3.99 15.44 0.61
CA CYS A 227 -4.22 16.49 -0.41
C CYS A 227 -3.04 16.58 -1.37
N GLU A 228 -1.81 16.43 -0.83
CA GLU A 228 -0.54 16.46 -1.56
C GLU A 228 -0.33 15.22 -2.45
N ILE A 229 -0.45 14.01 -1.90
CA ILE A 229 -0.22 12.77 -2.65
C ILE A 229 -1.27 12.51 -3.72
N TRP A 230 -2.53 12.96 -3.51
CA TRP A 230 -3.64 12.72 -4.44
C TRP A 230 -4.08 13.96 -5.25
N ASP A 231 -3.29 15.06 -5.20
CA ASP A 231 -3.55 16.32 -5.94
C ASP A 231 -4.99 16.80 -5.79
N VAL A 232 -5.44 16.95 -4.53
CA VAL A 232 -6.78 17.39 -4.16
C VAL A 232 -6.80 18.91 -4.05
N LYS B 1 6.45 25.99 -4.42
CA LYS B 1 6.62 25.04 -3.32
C LYS B 1 5.42 24.07 -3.25
N ASP B 2 5.62 22.86 -3.79
CA ASP B 2 4.65 21.75 -3.88
C ASP B 2 5.07 20.59 -2.99
N HIS B 3 4.10 19.75 -2.54
CA HIS B 3 4.27 18.57 -1.66
C HIS B 3 5.15 18.88 -0.43
N GLN B 4 4.93 20.04 0.22
CA GLN B 4 5.71 20.51 1.35
C GLN B 4 5.84 19.48 2.48
N LEU B 5 4.71 18.93 2.95
CA LEU B 5 4.70 17.94 4.03
C LEU B 5 5.30 16.59 3.60
N LEU B 6 4.98 16.13 2.37
CA LEU B 6 5.52 14.88 1.83
C LEU B 6 7.05 14.94 1.74
N ARG B 7 7.59 16.09 1.28
CA ARG B 7 9.04 16.35 1.19
C ARG B 7 9.66 16.38 2.58
N TYR B 8 8.96 17.01 3.55
CA TYR B 8 9.41 17.09 4.94
C TYR B 8 9.60 15.66 5.50
N LEU B 9 8.60 14.78 5.31
CA LEU B 9 8.62 13.40 5.81
C LEU B 9 9.72 12.57 5.13
N LEU B 10 9.88 12.76 3.82
CA LEU B 10 10.88 12.07 3.03
C LEU B 10 12.30 12.53 3.38
N ASP B 11 12.49 13.84 3.66
CA ASP B 11 13.82 14.42 3.89
C ASP B 11 14.34 14.35 5.33
N LYS B 12 13.46 14.19 6.34
CA LYS B 12 13.92 14.06 7.73
C LYS B 12 14.66 12.73 7.96
N ASP B 13 15.66 12.72 8.83
CA ASP B 13 16.40 11.50 9.14
C ASP B 13 15.58 10.57 10.05
C4 643 C . -3.38 -0.09 8.24
C5 643 C . -3.25 -1.28 10.59
C6 643 C . -3.84 -0.58 9.47
C7 643 C . -5.19 -0.38 9.79
C10 643 C . -6.70 -0.95 11.74
C15 643 C . -6.16 2.71 6.28
C17 643 C . -7.87 1.00 6.48
C21 643 C . -9.79 2.84 1.46
C22 643 C . -10.52 1.82 2.05
C26 643 C . -8.51 2.50 1.01
C28 643 C . -9.73 5.16 2.64
C1 643 C . -4.26 0.57 7.38
C2 643 C . -5.62 0.75 7.70
C3 643 C . -6.07 0.27 8.94
N8 643 C . -5.43 -0.93 11.04
C9 643 C . -4.26 -1.47 11.50
C11 643 C . -1.85 -1.73 10.77
O12 643 C . -1.00 -1.55 9.91
O13 643 C . -1.60 -2.34 11.90
C14 643 C . -6.98 3.46 5.46
C16 643 C . -6.58 1.48 6.80
C18 643 C . -8.69 1.77 5.65
C19 643 C . -8.25 2.98 5.14
O20 643 C . -9.14 3.65 4.34
C23 643 C . -9.92 0.60 2.32
N24 643 C . -8.78 0.26 1.69
C25 643 C . -7.98 1.23 1.24
C27 643 C . -10.17 4.26 1.63
C29 643 C . -10.35 6.31 2.33
O30 643 C . -11.12 6.17 1.23
N31 643 C . -11.00 4.83 0.78
CL32 643 C . -12.00 2.18 2.89
C33 643 C . -10.35 7.71 2.98
C34 643 C . -9.40 8.64 2.25
C35 643 C . -11.76 8.27 3.11
C36 643 C . -8.78 4.89 3.75
CL37 643 C . -7.64 3.59 -0.02
C38 643 C . -8.42 -0.31 6.99
#